data_3DC0
#
_entry.id   3DC0
#
_cell.length_a   140.176
_cell.length_b   163.141
_cell.length_c   73.989
_cell.angle_alpha   90.00
_cell.angle_beta   90.00
_cell.angle_gamma   90.00
#
_symmetry.space_group_name_H-M   'C 2 2 21'
#
loop_
_entity.id
_entity.type
_entity.pdbx_description
1 polymer alpha-amylase
2 non-polymer 'CALCIUM ION'
3 water water
#
_entity_poly.entity_id   1
_entity_poly.type   'polypeptide(L)'
_entity_poly.pdbx_seq_one_letter_code
;PSIKSGTILHAWNWSFNTLKNNMKDIHDAGYTAIQTSPINQVKEGNKGDKSMGNWYWLYQPTSYQIGNRYLGSEEEFKEM
CAAAEEYGVKVIVDAVINHTTSDYAAISNEIKSISNWTHGNTQIKNWSDRWDVTQNSLLGLYDWNTQNTQVQSYLKRFLE
RALNDGADGFRYDAAKHIELPDDGNYGSQFWPNITNTSAEFQYGEILQDSASRDAAYANYMNVTASNYGHSIRSALKNRN
LSVSNISHYASDVSADKLVTWVESHDTYANDDEESTWMSDDDIRLGWAVIASRSGSTPLFFSRPDGGGNGVRFPGKTQIG
DRGSALFEDQAIVAVNTFHNVMAGQPEELSNPNGNNQIFMNQRGSKGVVLANAGSSSVSINASTKLPDGSYDNKAGTGSF
QVRDGKLTGTINARSVAVLYPD
;
_entity_poly.pdbx_strand_id   A
#
# COMPACT_ATOMS: atom_id res chain seq x y z
N PRO A 1 -1.22 8.62 -15.73
CA PRO A 1 -0.71 7.54 -16.62
C PRO A 1 -1.54 6.26 -16.44
N SER A 2 -1.12 5.40 -15.52
CA SER A 2 -1.84 4.17 -15.20
C SER A 2 -1.68 3.94 -13.70
N ILE A 3 -2.56 3.16 -13.09
CA ILE A 3 -2.45 2.91 -11.67
C ILE A 3 -1.07 2.33 -11.36
N LYS A 4 -0.70 1.29 -12.11
CA LYS A 4 0.58 0.60 -11.95
C LYS A 4 1.80 1.52 -11.97
N SER A 5 1.78 2.48 -12.88
CA SER A 5 2.89 3.42 -13.03
C SER A 5 2.91 4.57 -12.04
N GLY A 6 1.85 4.73 -11.26
CA GLY A 6 1.80 5.82 -10.31
C GLY A 6 1.93 5.43 -8.86
N THR A 7 1.48 6.30 -7.97
CA THR A 7 1.52 6.04 -6.52
C THR A 7 0.10 5.93 -5.99
N ILE A 8 -0.08 5.11 -4.96
CA ILE A 8 -1.39 4.90 -4.35
C ILE A 8 -1.43 5.47 -2.94
N LEU A 9 -2.51 6.16 -2.61
CA LEU A 9 -2.70 6.72 -1.28
C LEU A 9 -3.60 5.76 -0.50
N HIS A 10 -3.10 5.26 0.63
CA HIS A 10 -3.92 4.36 1.43
C HIS A 10 -4.71 5.19 2.43
N ALA A 11 -5.94 5.52 2.05
CA ALA A 11 -6.82 6.32 2.92
C ALA A 11 -7.34 5.43 4.02
N TRP A 12 -6.43 4.85 4.80
CA TRP A 12 -6.80 3.94 5.88
C TRP A 12 -7.86 4.53 6.79
N ASN A 13 -9.01 3.87 6.84
CA ASN A 13 -10.15 4.27 7.67
C ASN A 13 -10.86 5.57 7.30
N TRP A 14 -10.46 6.23 6.21
CA TRP A 14 -11.14 7.45 5.80
C TRP A 14 -12.53 7.00 5.31
N SER A 15 -13.58 7.70 5.71
CA SER A 15 -14.92 7.32 5.27
C SER A 15 -15.06 7.71 3.80
N PHE A 16 -16.08 7.17 3.13
CA PHE A 16 -16.30 7.51 1.73
C PHE A 16 -16.50 9.01 1.61
N ASN A 17 -17.31 9.58 2.50
CA ASN A 17 -17.57 11.01 2.46
C ASN A 17 -16.27 11.79 2.66
N THR A 18 -15.48 11.38 3.64
CA THR A 18 -14.21 12.05 3.91
C THR A 18 -13.37 12.02 2.63
N LEU A 19 -13.30 10.85 2.00
CA LEU A 19 -12.56 10.69 0.76
C LEU A 19 -13.11 11.59 -0.34
N LYS A 20 -14.43 11.59 -0.49
CA LYS A 20 -15.08 12.40 -1.52
C LYS A 20 -14.77 13.89 -1.37
N ASN A 21 -14.68 14.34 -0.14
CA ASN A 21 -14.40 15.74 0.13
C ASN A 21 -12.96 16.16 -0.06
N ASN A 22 -12.04 15.21 -0.10
CA ASN A 22 -10.63 15.54 -0.25
C ASN A 22 -10.09 15.18 -1.62
N MET A 23 -10.98 14.77 -2.51
CA MET A 23 -10.58 14.34 -3.84
C MET A 23 -9.70 15.33 -4.60
N LYS A 24 -10.00 16.63 -4.52
CA LYS A 24 -9.17 17.61 -5.22
C LYS A 24 -7.76 17.65 -4.59
N ASP A 25 -7.69 17.69 -3.25
CA ASP A 25 -6.40 17.72 -2.59
C ASP A 25 -5.64 16.41 -2.88
N ILE A 26 -6.37 15.30 -2.88
CA ILE A 26 -5.77 13.99 -3.16
C ILE A 26 -5.06 14.10 -4.51
N HIS A 27 -5.79 14.59 -5.52
CA HIS A 27 -5.24 14.75 -6.84
C HIS A 27 -4.06 15.73 -6.89
N ASP A 28 -4.20 16.86 -6.21
CA ASP A 28 -3.13 17.84 -6.20
C ASP A 28 -1.91 17.33 -5.46
N ALA A 29 -2.11 16.27 -4.67
CA ALA A 29 -1.01 15.69 -3.90
C ALA A 29 -0.14 14.78 -4.79
N GLY A 30 -0.68 14.40 -5.95
CA GLY A 30 0.08 13.57 -6.86
C GLY A 30 -0.18 12.08 -6.90
N TYR A 31 -1.24 11.63 -6.25
CA TYR A 31 -1.56 10.21 -6.25
C TYR A 31 -2.41 9.87 -7.46
N THR A 32 -2.12 8.73 -8.08
CA THR A 32 -2.89 8.30 -9.24
C THR A 32 -4.15 7.59 -8.78
N ALA A 33 -4.06 6.95 -7.62
CA ALA A 33 -5.19 6.22 -7.07
C ALA A 33 -5.19 6.22 -5.54
N ILE A 34 -6.33 5.86 -4.96
CA ILE A 34 -6.46 5.76 -3.52
C ILE A 34 -6.97 4.35 -3.24
N GLN A 35 -6.69 3.86 -2.04
CA GLN A 35 -7.13 2.53 -1.63
C GLN A 35 -8.00 2.68 -0.40
N THR A 36 -9.23 2.21 -0.49
CA THR A 36 -10.18 2.28 0.62
C THR A 36 -9.95 1.09 1.55
N SER A 37 -10.63 1.10 2.70
CA SER A 37 -10.56 -0.01 3.62
C SER A 37 -11.72 -0.90 3.16
N PRO A 38 -11.86 -2.11 3.71
CA PRO A 38 -12.97 -2.97 3.27
C PRO A 38 -14.30 -2.21 3.18
N ILE A 39 -15.02 -2.42 2.08
CA ILE A 39 -16.29 -1.73 1.87
C ILE A 39 -17.52 -2.61 2.10
N ASN A 40 -17.29 -3.88 2.42
CA ASN A 40 -18.39 -4.78 2.65
C ASN A 40 -18.95 -4.67 4.06
N GLN A 41 -20.03 -5.38 4.29
CA GLN A 41 -20.70 -5.41 5.58
C GLN A 41 -19.87 -6.26 6.53
N VAL A 42 -19.52 -5.69 7.68
CA VAL A 42 -18.71 -6.42 8.65
C VAL A 42 -19.32 -6.45 10.04
N LYS A 43 -18.71 -7.22 10.93
CA LYS A 43 -19.19 -7.27 12.30
C LYS A 43 -18.69 -5.99 12.97
N GLU A 44 -19.61 -5.16 13.42
CA GLU A 44 -19.22 -3.92 14.05
C GLU A 44 -19.10 -4.12 15.55
N GLY A 45 -18.06 -4.85 15.94
CA GLY A 45 -17.80 -5.17 17.34
C GLY A 45 -17.67 -3.97 18.25
N ASN A 46 -17.69 -4.24 19.57
CA ASN A 46 -17.62 -3.20 20.58
C ASN A 46 -18.69 -2.13 20.36
N LYS A 47 -19.88 -2.59 20.03
CA LYS A 47 -21.03 -1.71 19.79
C LYS A 47 -20.76 -0.65 18.73
N GLY A 48 -19.89 -0.97 17.78
CA GLY A 48 -19.58 -0.03 16.71
C GLY A 48 -18.75 1.18 17.10
N ASP A 49 -18.11 1.14 18.26
CA ASP A 49 -17.29 2.25 18.71
C ASP A 49 -16.28 2.64 17.62
N LYS A 50 -16.14 3.95 17.36
CA LYS A 50 -15.24 4.41 16.32
C LYS A 50 -13.79 4.66 16.74
N SER A 51 -13.42 4.32 17.97
CA SER A 51 -12.03 4.51 18.43
C SER A 51 -11.09 3.82 17.46
N MET A 52 -9.98 4.46 17.15
CA MET A 52 -9.04 3.89 16.19
C MET A 52 -8.63 2.46 16.53
N GLY A 53 -8.60 2.14 17.82
CA GLY A 53 -8.23 0.81 18.23
C GLY A 53 -9.14 -0.28 17.67
N ASN A 54 -10.35 0.09 17.26
CA ASN A 54 -11.29 -0.89 16.71
C ASN A 54 -11.15 -1.08 15.21
N TRP A 55 -10.09 -0.54 14.63
CA TRP A 55 -9.84 -0.65 13.20
C TRP A 55 -9.94 -2.07 12.65
N TYR A 56 -9.63 -3.06 13.49
CA TYR A 56 -9.65 -4.45 13.07
C TYR A 56 -11.00 -5.07 12.70
N TRP A 57 -12.10 -4.45 13.14
CA TRP A 57 -13.41 -5.00 12.83
C TRP A 57 -13.69 -4.96 11.33
N LEU A 58 -13.04 -4.04 10.63
CA LEU A 58 -13.24 -3.91 9.19
C LEU A 58 -12.74 -5.14 8.43
N TYR A 59 -12.15 -6.07 9.16
CA TYR A 59 -11.62 -7.28 8.53
C TYR A 59 -12.37 -8.54 8.89
N GLN A 60 -13.60 -8.37 9.40
CA GLN A 60 -14.45 -9.49 9.77
C GLN A 60 -15.78 -9.38 9.03
N PRO A 61 -15.82 -9.83 7.77
CA PRO A 61 -17.03 -9.78 6.95
C PRO A 61 -18.18 -10.59 7.52
N THR A 62 -19.40 -10.09 7.35
CA THR A 62 -20.58 -10.81 7.81
C THR A 62 -21.48 -11.03 6.60
N SER A 63 -21.35 -10.13 5.63
CA SER A 63 -22.12 -10.17 4.40
C SER A 63 -21.32 -9.46 3.32
N TYR A 64 -21.57 -9.79 2.07
CA TYR A 64 -20.85 -9.10 1.02
C TYR A 64 -21.66 -8.03 0.33
N GLN A 65 -22.56 -7.44 1.11
CA GLN A 65 -23.38 -6.33 0.67
C GLN A 65 -22.43 -5.15 0.87
N ILE A 66 -22.48 -4.14 0.03
CA ILE A 66 -21.58 -3.01 0.20
C ILE A 66 -22.13 -2.01 1.20
N GLY A 67 -21.29 -1.61 2.14
CA GLY A 67 -21.67 -0.65 3.16
C GLY A 67 -21.49 -1.12 4.59
N ASN A 68 -21.06 -0.20 5.45
CA ASN A 68 -20.84 -0.47 6.87
C ASN A 68 -20.76 0.86 7.60
N ARG A 69 -21.02 0.82 8.90
CA ARG A 69 -21.03 1.99 9.77
C ARG A 69 -19.71 2.78 9.78
N TYR A 70 -18.61 2.13 9.46
CA TYR A 70 -17.32 2.82 9.49
C TYR A 70 -17.05 3.71 8.29
N LEU A 71 -17.34 3.24 7.08
CA LEU A 71 -17.05 4.04 5.89
C LEU A 71 -18.25 4.66 5.20
N GLY A 72 -19.44 4.14 5.47
CA GLY A 72 -20.62 4.68 4.84
C GLY A 72 -21.41 3.67 4.02
N SER A 73 -22.39 4.19 3.28
CA SER A 73 -23.26 3.35 2.45
C SER A 73 -22.72 3.15 1.05
N GLU A 74 -23.35 2.22 0.34
CA GLU A 74 -22.96 1.94 -1.03
C GLU A 74 -23.20 3.17 -1.90
N GLU A 75 -24.21 3.96 -1.55
CA GLU A 75 -24.52 5.14 -2.33
C GLU A 75 -23.36 6.12 -2.21
N GLU A 76 -22.90 6.32 -0.97
CA GLU A 76 -21.80 7.22 -0.70
C GLU A 76 -20.51 6.70 -1.33
N PHE A 77 -20.40 5.38 -1.43
CA PHE A 77 -19.22 4.78 -2.04
C PHE A 77 -19.19 5.15 -3.52
N LYS A 78 -20.33 5.06 -4.18
CA LYS A 78 -20.42 5.39 -5.61
C LYS A 78 -20.14 6.86 -5.85
N GLU A 79 -20.64 7.72 -4.96
CA GLU A 79 -20.42 9.15 -5.08
C GLU A 79 -18.93 9.43 -4.96
N MET A 80 -18.29 8.76 -4.00
CA MET A 80 -16.86 8.92 -3.78
C MET A 80 -16.09 8.57 -5.05
N CYS A 81 -16.42 7.42 -5.65
CA CYS A 81 -15.76 7.00 -6.89
C CYS A 81 -15.92 8.05 -7.97
N ALA A 82 -17.15 8.51 -8.13
CA ALA A 82 -17.48 9.52 -9.12
C ALA A 82 -16.62 10.77 -8.91
N ALA A 83 -16.59 11.25 -7.66
CA ALA A 83 -15.84 12.45 -7.32
C ALA A 83 -14.37 12.27 -7.70
N ALA A 84 -13.87 11.06 -7.52
CA ALA A 84 -12.48 10.76 -7.85
C ALA A 84 -12.25 10.80 -9.36
N GLU A 85 -13.23 10.34 -10.12
CA GLU A 85 -13.09 10.31 -11.57
C GLU A 85 -13.08 11.71 -12.17
N GLU A 86 -13.73 12.67 -11.50
CA GLU A 86 -13.79 14.04 -11.97
C GLU A 86 -12.39 14.63 -12.01
N TYR A 87 -11.50 14.09 -11.20
CA TYR A 87 -10.12 14.56 -11.14
C TYR A 87 -9.20 13.46 -11.66
N GLY A 88 -9.79 12.46 -12.30
CA GLY A 88 -9.02 11.38 -12.86
C GLY A 88 -8.28 10.45 -11.89
N VAL A 89 -8.68 10.37 -10.62
CA VAL A 89 -7.98 9.46 -9.71
C VAL A 89 -8.76 8.15 -9.60
N LYS A 90 -8.02 7.04 -9.62
CA LYS A 90 -8.61 5.70 -9.55
C LYS A 90 -8.89 5.25 -8.12
N VAL A 91 -9.78 4.27 -7.98
CA VAL A 91 -10.13 3.75 -6.67
C VAL A 91 -9.87 2.26 -6.57
N ILE A 92 -9.12 1.88 -5.54
CA ILE A 92 -8.80 0.47 -5.31
C ILE A 92 -9.48 0.03 -4.02
N VAL A 93 -10.24 -1.05 -4.11
CA VAL A 93 -10.95 -1.58 -2.95
C VAL A 93 -10.23 -2.73 -2.27
N ASP A 94 -10.12 -2.62 -0.95
CA ASP A 94 -9.50 -3.63 -0.11
C ASP A 94 -10.54 -4.76 -0.05
N ALA A 95 -10.26 -5.89 -0.70
CA ALA A 95 -11.19 -7.00 -0.72
C ALA A 95 -10.80 -8.13 0.25
N VAL A 96 -11.68 -8.40 1.19
CA VAL A 96 -11.42 -9.45 2.17
C VAL A 96 -12.28 -10.65 1.78
N ILE A 97 -11.74 -11.48 0.89
CA ILE A 97 -12.45 -12.63 0.38
C ILE A 97 -11.95 -14.02 0.78
N ASN A 98 -10.96 -14.09 1.67
CA ASN A 98 -10.46 -15.39 2.08
C ASN A 98 -11.27 -15.97 3.23
N HIS A 99 -11.83 -15.09 4.05
CA HIS A 99 -12.58 -15.52 5.22
C HIS A 99 -13.66 -14.50 5.58
N THR A 100 -14.42 -14.83 6.61
CA THR A 100 -15.46 -13.96 7.12
C THR A 100 -15.14 -13.78 8.60
N THR A 101 -16.10 -13.25 9.35
CA THR A 101 -15.87 -13.06 10.77
C THR A 101 -15.79 -14.42 11.46
N SER A 102 -15.25 -14.45 12.67
CA SER A 102 -15.13 -15.70 13.41
C SER A 102 -16.40 -15.97 14.21
N ASP A 103 -17.22 -14.93 14.34
CA ASP A 103 -18.49 -15.03 15.06
C ASP A 103 -19.53 -15.64 14.12
N TYR A 104 -19.73 -16.94 14.24
CA TYR A 104 -20.68 -17.64 13.37
C TYR A 104 -22.07 -17.01 13.44
N ALA A 105 -22.50 -16.66 14.64
CA ALA A 105 -23.82 -16.04 14.82
C ALA A 105 -23.97 -14.74 14.05
N ALA A 106 -22.88 -14.00 13.91
CA ALA A 106 -22.91 -12.72 13.20
C ALA A 106 -22.98 -12.85 11.68
N ILE A 107 -22.55 -13.99 11.15
CA ILE A 107 -22.57 -14.23 9.71
C ILE A 107 -24.00 -14.21 9.20
N SER A 108 -24.23 -13.51 8.11
CA SER A 108 -25.57 -13.42 7.53
C SER A 108 -26.00 -14.74 6.90
N ASN A 109 -27.31 -14.97 6.88
CA ASN A 109 -27.85 -16.17 6.29
C ASN A 109 -27.53 -16.16 4.80
N GLU A 110 -27.38 -14.96 4.26
CA GLU A 110 -27.09 -14.79 2.84
C GLU A 110 -25.93 -15.69 2.43
N ILE A 111 -24.90 -15.80 3.27
CA ILE A 111 -23.77 -16.66 2.92
C ILE A 111 -23.95 -18.06 3.47
N LYS A 112 -24.65 -18.18 4.61
CA LYS A 112 -24.88 -19.48 5.21
C LYS A 112 -25.75 -20.36 4.32
N SER A 113 -26.60 -19.73 3.51
CA SER A 113 -27.49 -20.46 2.61
C SER A 113 -26.70 -21.19 1.52
N ILE A 114 -25.43 -20.80 1.35
CA ILE A 114 -24.59 -21.43 0.34
C ILE A 114 -24.08 -22.72 0.94
N SER A 115 -24.56 -23.84 0.42
CA SER A 115 -24.14 -25.12 0.96
C SER A 115 -22.65 -25.36 0.79
N ASN A 116 -22.04 -25.96 1.81
CA ASN A 116 -20.62 -26.26 1.79
C ASN A 116 -19.83 -25.00 1.45
N TRP A 117 -20.15 -23.91 2.15
CA TRP A 117 -19.51 -22.62 1.89
C TRP A 117 -18.20 -22.37 2.63
N THR A 118 -17.90 -23.17 3.64
CA THR A 118 -16.68 -22.92 4.38
C THR A 118 -15.85 -24.14 4.71
N HIS A 119 -14.55 -23.91 4.90
CA HIS A 119 -13.61 -24.96 5.27
C HIS A 119 -13.69 -25.14 6.79
N GLY A 120 -14.47 -24.29 7.43
CA GLY A 120 -14.60 -24.36 8.88
C GLY A 120 -13.75 -23.29 9.53
N ASN A 121 -13.52 -23.42 10.83
CA ASN A 121 -12.72 -22.43 11.54
C ASN A 121 -11.63 -23.07 12.38
N THR A 122 -11.09 -24.18 11.90
CA THR A 122 -10.01 -24.87 12.60
C THR A 122 -8.71 -24.12 12.32
N GLN A 123 -8.28 -23.35 13.32
CA GLN A 123 -7.09 -22.52 13.25
C GLN A 123 -5.80 -23.22 12.78
N ILE A 124 -5.10 -22.57 11.85
CA ILE A 124 -3.85 -23.07 11.30
C ILE A 124 -2.91 -23.51 12.42
N LYS A 125 -2.09 -24.53 12.19
CA LYS A 125 -1.15 -25.00 13.20
C LYS A 125 0.28 -24.89 12.71
N ASN A 126 0.47 -25.12 11.43
CA ASN A 126 1.80 -25.08 10.82
C ASN A 126 1.88 -24.05 9.71
N TRP A 127 2.53 -22.93 9.97
CA TRP A 127 2.64 -21.88 8.97
C TRP A 127 3.58 -22.17 7.81
N SER A 128 4.22 -23.34 7.83
CA SER A 128 5.12 -23.75 6.76
C SER A 128 4.38 -24.67 5.81
N ASP A 129 3.23 -25.17 6.26
CA ASP A 129 2.38 -26.10 5.51
C ASP A 129 1.37 -25.38 4.59
N ARG A 130 1.67 -25.34 3.28
CA ARG A 130 0.78 -24.68 2.29
C ARG A 130 -0.65 -25.15 2.38
N TRP A 131 -0.85 -26.44 2.63
CA TRP A 131 -2.20 -26.97 2.74
C TRP A 131 -2.92 -26.33 3.92
N ASP A 132 -2.28 -26.37 5.08
CA ASP A 132 -2.86 -25.82 6.30
C ASP A 132 -3.09 -24.31 6.18
N VAL A 133 -2.09 -23.61 5.63
CA VAL A 133 -2.17 -22.17 5.45
C VAL A 133 -3.35 -21.75 4.58
N THR A 134 -3.63 -22.54 3.55
CA THR A 134 -4.69 -22.24 2.61
C THR A 134 -6.01 -22.98 2.78
N GLN A 135 -6.02 -24.04 3.58
CA GLN A 135 -7.26 -24.79 3.73
C GLN A 135 -7.90 -24.64 5.11
N ASN A 136 -7.16 -24.04 6.04
CA ASN A 136 -7.68 -23.84 7.37
C ASN A 136 -7.84 -22.39 7.76
N SER A 137 -8.40 -22.19 8.96
CA SER A 137 -8.69 -20.87 9.49
C SER A 137 -7.55 -20.02 10.02
N LEU A 138 -7.59 -18.76 9.63
CA LEU A 138 -6.61 -17.77 10.03
C LEU A 138 -7.16 -17.07 11.27
N LEU A 139 -6.60 -17.39 12.43
CA LEU A 139 -7.01 -16.77 13.69
C LEU A 139 -8.42 -17.12 14.16
N GLY A 140 -9.09 -18.03 13.47
CA GLY A 140 -10.45 -18.41 13.87
C GLY A 140 -11.51 -17.85 12.95
N LEU A 141 -11.07 -17.06 11.98
CA LEU A 141 -11.97 -16.45 10.99
C LEU A 141 -12.42 -17.55 10.04
N TYR A 142 -13.73 -17.80 9.98
CA TYR A 142 -14.22 -18.86 9.09
C TYR A 142 -13.66 -18.73 7.70
N ASP A 143 -13.08 -19.83 7.23
CA ASP A 143 -12.44 -19.89 5.93
C ASP A 143 -13.37 -20.26 4.78
N TRP A 144 -13.45 -19.38 3.78
CA TRP A 144 -14.30 -19.64 2.62
C TRP A 144 -13.88 -20.90 1.87
N ASN A 145 -14.87 -21.67 1.42
CA ASN A 145 -14.57 -22.88 0.65
C ASN A 145 -14.40 -22.40 -0.79
N THR A 146 -13.22 -21.84 -1.06
CA THR A 146 -12.88 -21.28 -2.37
C THR A 146 -12.88 -22.26 -3.53
N GLN A 147 -12.82 -23.56 -3.23
CA GLN A 147 -12.86 -24.57 -4.28
C GLN A 147 -14.28 -24.69 -4.81
N ASN A 148 -15.24 -24.37 -3.96
CA ASN A 148 -16.66 -24.42 -4.30
C ASN A 148 -16.96 -23.31 -5.31
N THR A 149 -17.35 -23.68 -6.53
CA THR A 149 -17.63 -22.67 -7.54
C THR A 149 -18.82 -21.78 -7.19
N GLN A 150 -19.64 -22.23 -6.25
CA GLN A 150 -20.80 -21.46 -5.85
C GLN A 150 -20.36 -20.27 -4.98
N VAL A 151 -19.30 -20.46 -4.20
CA VAL A 151 -18.81 -19.37 -3.36
C VAL A 151 -18.05 -18.45 -4.28
N GLN A 152 -17.45 -19.02 -5.31
CA GLN A 152 -16.69 -18.24 -6.27
C GLN A 152 -17.59 -17.20 -6.92
N SER A 153 -18.69 -17.63 -7.52
CA SER A 153 -19.58 -16.69 -8.17
C SER A 153 -20.11 -15.66 -7.16
N TYR A 154 -20.38 -16.10 -5.93
CA TYR A 154 -20.88 -15.20 -4.90
C TYR A 154 -19.89 -14.08 -4.62
N LEU A 155 -18.62 -14.45 -4.42
CA LEU A 155 -17.59 -13.47 -4.15
C LEU A 155 -17.25 -12.63 -5.38
N LYS A 156 -17.20 -13.27 -6.54
CA LYS A 156 -16.90 -12.54 -7.76
C LYS A 156 -18.01 -11.55 -8.07
N ARG A 157 -19.24 -11.90 -7.71
CA ARG A 157 -20.38 -11.02 -7.97
C ARG A 157 -20.14 -9.72 -7.21
N PHE A 158 -19.61 -9.83 -6.00
CA PHE A 158 -19.32 -8.67 -5.15
C PHE A 158 -18.24 -7.81 -5.80
N LEU A 159 -17.21 -8.46 -6.31
CA LEU A 159 -16.14 -7.72 -6.96
C LEU A 159 -16.67 -6.92 -8.15
N GLU A 160 -17.37 -7.60 -9.07
CA GLU A 160 -17.94 -6.95 -10.24
C GLU A 160 -18.88 -5.82 -9.84
N ARG A 161 -19.64 -6.06 -8.78
CA ARG A 161 -20.57 -5.07 -8.25
C ARG A 161 -19.83 -3.77 -7.88
N ALA A 162 -18.67 -3.91 -7.25
CA ALA A 162 -17.87 -2.76 -6.86
C ALA A 162 -17.30 -2.08 -8.10
N LEU A 163 -16.91 -2.88 -9.08
CA LEU A 163 -16.38 -2.34 -10.33
C LEU A 163 -17.45 -1.43 -10.92
N ASN A 164 -18.68 -1.93 -10.97
CA ASN A 164 -19.78 -1.15 -11.52
C ASN A 164 -19.98 0.15 -10.75
N ASP A 165 -19.71 0.11 -9.46
CA ASP A 165 -19.88 1.29 -8.62
C ASP A 165 -18.79 2.33 -8.82
N GLY A 166 -17.74 1.97 -9.57
CA GLY A 166 -16.67 2.92 -9.82
C GLY A 166 -15.29 2.46 -9.39
N ALA A 167 -15.22 1.32 -8.69
CA ALA A 167 -13.93 0.82 -8.25
C ALA A 167 -13.11 0.51 -9.49
N ASP A 168 -11.81 0.75 -9.43
CA ASP A 168 -10.96 0.51 -10.57
C ASP A 168 -9.93 -0.58 -10.34
N GLY A 169 -9.94 -1.16 -9.14
CA GLY A 169 -8.97 -2.19 -8.85
C GLY A 169 -9.19 -2.82 -7.50
N PHE A 170 -8.40 -3.84 -7.19
CA PHE A 170 -8.52 -4.55 -5.93
C PHE A 170 -7.20 -4.83 -5.24
N ARG A 171 -7.30 -4.94 -3.93
CA ARG A 171 -6.20 -5.27 -3.05
C ARG A 171 -6.80 -6.45 -2.30
N TYR A 172 -6.28 -7.65 -2.57
CA TYR A 172 -6.79 -8.86 -1.93
C TYR A 172 -6.14 -9.16 -0.58
N ASP A 173 -6.92 -8.96 0.47
CA ASP A 173 -6.49 -9.21 1.82
C ASP A 173 -6.18 -10.69 2.02
N ALA A 174 -5.08 -10.99 2.71
CA ALA A 174 -4.71 -12.37 3.00
C ALA A 174 -4.75 -13.25 1.75
N ALA A 175 -4.35 -12.69 0.62
CA ALA A 175 -4.35 -13.41 -0.64
C ALA A 175 -3.59 -14.72 -0.57
N LYS A 176 -2.51 -14.72 0.21
CA LYS A 176 -1.65 -15.89 0.39
C LYS A 176 -2.38 -17.11 0.93
N HIS A 177 -3.56 -16.89 1.52
CA HIS A 177 -4.33 -17.97 2.10
C HIS A 177 -5.33 -18.62 1.15
N ILE A 178 -5.42 -18.13 -0.09
CA ILE A 178 -6.33 -18.74 -1.06
C ILE A 178 -5.43 -19.57 -1.99
N GLU A 179 -5.74 -20.85 -2.13
CA GLU A 179 -4.94 -21.74 -2.97
C GLU A 179 -4.88 -21.33 -4.43
N LEU A 180 -3.79 -21.72 -5.08
CA LEU A 180 -3.55 -21.45 -6.49
C LEU A 180 -3.89 -22.67 -7.35
N PRO A 181 -4.08 -22.45 -8.66
CA PRO A 181 -4.41 -23.53 -9.59
C PRO A 181 -3.44 -24.71 -9.54
N ASP A 182 -2.18 -24.43 -9.25
CA ASP A 182 -1.17 -25.48 -9.20
C ASP A 182 -0.79 -25.89 -7.78
N ASP A 183 -1.73 -25.83 -6.84
CA ASP A 183 -1.41 -26.25 -5.49
C ASP A 183 -1.82 -27.70 -5.30
N GLY A 184 -1.44 -28.54 -6.26
CA GLY A 184 -1.73 -29.96 -6.18
C GLY A 184 -3.17 -30.37 -6.01
N ASN A 185 -3.39 -31.30 -5.08
CA ASN A 185 -4.72 -31.84 -4.80
C ASN A 185 -5.64 -30.99 -3.96
N TYR A 186 -5.28 -29.73 -3.75
CA TYR A 186 -6.14 -28.84 -2.99
C TYR A 186 -6.19 -27.49 -3.68
N GLY A 187 -5.69 -27.46 -4.92
CA GLY A 187 -5.69 -26.23 -5.69
C GLY A 187 -7.07 -25.94 -6.26
N SER A 188 -7.20 -24.83 -6.99
CA SER A 188 -8.48 -24.47 -7.58
C SER A 188 -8.30 -23.38 -8.63
N GLN A 189 -9.40 -23.02 -9.27
CA GLN A 189 -9.38 -21.97 -10.28
C GLN A 189 -9.91 -20.66 -9.71
N PHE A 190 -9.79 -20.49 -8.40
CA PHE A 190 -10.29 -19.29 -7.74
C PHE A 190 -9.69 -17.98 -8.25
N TRP A 191 -8.37 -17.90 -8.29
CA TRP A 191 -7.69 -16.70 -8.76
C TRP A 191 -7.84 -16.39 -10.25
N PRO A 192 -7.66 -17.40 -11.12
CA PRO A 192 -7.81 -17.13 -12.56
C PRO A 192 -9.20 -16.57 -12.82
N ASN A 193 -10.18 -17.14 -12.11
CA ASN A 193 -11.58 -16.75 -12.24
C ASN A 193 -11.93 -15.40 -11.64
N ILE A 194 -11.70 -15.21 -10.34
CA ILE A 194 -12.07 -13.93 -9.75
C ILE A 194 -11.19 -12.76 -10.21
N THR A 195 -10.00 -13.02 -10.74
CA THR A 195 -9.18 -11.89 -11.20
C THR A 195 -9.58 -11.55 -12.64
N ASN A 196 -10.45 -12.37 -13.20
CA ASN A 196 -10.92 -12.15 -14.55
C ASN A 196 -12.11 -11.19 -14.57
N THR A 197 -11.80 -9.90 -14.52
CA THR A 197 -12.80 -8.83 -14.54
C THR A 197 -12.24 -7.60 -15.25
N SER A 198 -13.02 -6.53 -15.27
CA SER A 198 -12.58 -5.30 -15.93
C SER A 198 -11.64 -4.46 -15.05
N ALA A 199 -11.19 -5.01 -13.93
CA ALA A 199 -10.30 -4.30 -13.02
C ALA A 199 -8.99 -3.86 -13.69
N GLU A 200 -8.65 -2.58 -13.54
CA GLU A 200 -7.43 -2.04 -14.13
C GLU A 200 -6.17 -2.53 -13.43
N PHE A 201 -6.21 -2.58 -12.10
CA PHE A 201 -5.06 -3.01 -11.33
C PHE A 201 -5.47 -3.80 -10.11
N GLN A 202 -4.77 -4.90 -9.86
CA GLN A 202 -5.07 -5.71 -8.69
C GLN A 202 -3.84 -6.39 -8.16
N TYR A 203 -3.65 -6.30 -6.85
CA TYR A 203 -2.52 -6.93 -6.20
C TYR A 203 -3.00 -7.59 -4.93
N GLY A 204 -2.25 -8.59 -4.47
CA GLY A 204 -2.63 -9.30 -3.26
C GLY A 204 -1.65 -9.07 -2.13
N GLU A 205 -2.16 -9.08 -0.90
CA GLU A 205 -1.30 -8.92 0.26
C GLU A 205 -0.64 -10.27 0.41
N ILE A 206 0.67 -10.33 0.15
CA ILE A 206 1.41 -11.57 0.26
C ILE A 206 2.59 -11.37 1.18
N LEU A 207 2.38 -11.54 2.48
CA LEU A 207 3.45 -11.39 3.44
C LEU A 207 4.41 -12.55 3.21
N GLN A 208 5.59 -12.23 2.68
CA GLN A 208 6.62 -13.20 2.35
C GLN A 208 7.09 -14.15 3.45
N ASP A 209 7.21 -15.42 3.08
CA ASP A 209 7.69 -16.47 3.97
C ASP A 209 7.97 -17.71 3.12
N SER A 210 8.39 -18.79 3.74
CA SER A 210 8.70 -20.02 3.01
C SER A 210 7.53 -20.59 2.23
N ALA A 211 6.30 -20.28 2.64
CA ALA A 211 5.12 -20.80 1.96
C ALA A 211 4.29 -19.76 1.20
N SER A 212 4.81 -18.55 1.06
CA SER A 212 4.08 -17.49 0.37
C SER A 212 3.88 -17.74 -1.12
N ARG A 213 4.87 -18.36 -1.77
CA ARG A 213 4.77 -18.67 -3.21
C ARG A 213 4.61 -17.39 -4.05
N ASP A 214 5.33 -16.33 -3.68
CA ASP A 214 5.26 -15.04 -4.38
C ASP A 214 5.10 -15.13 -5.89
N ALA A 215 6.17 -15.54 -6.56
CA ALA A 215 6.17 -15.65 -8.02
C ALA A 215 4.94 -16.32 -8.63
N ALA A 216 4.43 -17.34 -7.96
CA ALA A 216 3.25 -18.03 -8.46
C ALA A 216 2.08 -17.05 -8.47
N TYR A 217 1.97 -16.27 -7.39
CA TYR A 217 0.92 -15.26 -7.25
C TYR A 217 1.13 -14.14 -8.26
N ALA A 218 2.40 -13.84 -8.54
CA ALA A 218 2.73 -12.79 -9.48
C ALA A 218 2.17 -13.02 -10.88
N ASN A 219 1.69 -14.24 -11.16
CA ASN A 219 1.13 -14.53 -12.47
C ASN A 219 -0.31 -14.08 -12.60
N TYR A 220 -0.94 -13.75 -11.47
CA TYR A 220 -2.32 -13.32 -11.49
C TYR A 220 -2.53 -11.92 -10.92
N MET A 221 -1.55 -11.42 -10.19
CA MET A 221 -1.67 -10.11 -9.57
C MET A 221 -0.30 -9.61 -9.16
N ASN A 222 -0.24 -8.33 -8.77
CA ASN A 222 1.01 -7.77 -8.29
C ASN A 222 1.10 -8.25 -6.83
N VAL A 223 2.28 -8.18 -6.24
CA VAL A 223 2.42 -8.65 -4.87
C VAL A 223 3.18 -7.68 -3.99
N THR A 224 2.89 -7.72 -2.70
CA THR A 224 3.51 -6.84 -1.72
C THR A 224 4.93 -7.23 -1.34
N ALA A 225 5.87 -6.30 -1.46
CA ALA A 225 7.26 -6.57 -1.11
C ALA A 225 7.45 -6.33 0.39
N SER A 226 6.80 -7.15 1.22
CA SER A 226 6.88 -7.01 2.66
C SER A 226 8.31 -7.03 3.22
N ASN A 227 9.16 -7.88 2.66
CA ASN A 227 10.55 -7.95 3.11
C ASN A 227 11.26 -6.63 2.86
N TYR A 228 11.06 -6.09 1.65
CA TYR A 228 11.67 -4.82 1.29
C TYR A 228 11.22 -3.76 2.27
N GLY A 229 10.00 -3.93 2.80
CA GLY A 229 9.49 -3.00 3.78
C GLY A 229 10.38 -3.02 5.00
N HIS A 230 10.83 -4.22 5.39
CA HIS A 230 11.70 -4.38 6.55
C HIS A 230 13.06 -3.71 6.31
N SER A 231 13.58 -3.85 5.10
CA SER A 231 14.86 -3.25 4.76
C SER A 231 14.77 -1.73 4.91
N ILE A 232 13.78 -1.15 4.27
CA ILE A 232 13.58 0.29 4.33
C ILE A 232 13.47 0.74 5.77
N ARG A 233 12.55 0.13 6.51
CA ARG A 233 12.37 0.48 7.90
C ARG A 233 13.67 0.35 8.68
N SER A 234 14.38 -0.74 8.46
CA SER A 234 15.64 -0.98 9.16
C SER A 234 16.69 0.08 8.79
N ALA A 235 16.69 0.48 7.52
CA ALA A 235 17.62 1.49 7.04
C ALA A 235 17.31 2.81 7.73
N LEU A 236 16.03 3.07 7.95
CA LEU A 236 15.58 4.29 8.60
C LEU A 236 15.91 4.31 10.09
N LYS A 237 15.85 3.15 10.72
CA LYS A 237 16.15 3.03 12.15
C LYS A 237 17.61 3.37 12.40
N ASN A 238 18.49 2.72 11.64
CA ASN A 238 19.93 2.94 11.78
C ASN A 238 20.39 4.18 11.04
N ARG A 239 19.50 4.80 10.29
CA ARG A 239 19.83 6.00 9.52
C ARG A 239 21.00 5.62 8.60
N ASN A 240 20.89 4.45 7.98
CA ASN A 240 21.89 3.94 7.04
C ASN A 240 21.17 3.53 5.74
N LEU A 241 21.27 4.40 4.73
CA LEU A 241 20.63 4.15 3.45
C LEU A 241 21.59 3.55 2.44
N SER A 242 22.48 2.69 2.91
CA SER A 242 23.45 2.04 2.04
C SER A 242 22.74 1.39 0.85
N VAL A 243 23.15 1.74 -0.36
CA VAL A 243 22.52 1.15 -1.54
C VAL A 243 22.81 -0.34 -1.58
N SER A 244 23.62 -0.82 -0.65
CA SER A 244 23.96 -2.24 -0.58
C SER A 244 22.89 -2.98 0.21
N ASN A 245 21.89 -2.26 0.70
CA ASN A 245 20.82 -2.88 1.47
C ASN A 245 19.42 -2.58 0.97
N ILE A 246 19.23 -1.36 0.46
CA ILE A 246 17.94 -0.91 -0.02
C ILE A 246 17.69 -0.90 -1.52
N SER A 247 18.58 -1.50 -2.30
CA SER A 247 18.37 -1.53 -3.74
C SER A 247 17.82 -2.89 -4.18
N HIS A 248 17.88 -3.88 -3.30
CA HIS A 248 17.34 -5.20 -3.62
C HIS A 248 15.96 -5.31 -2.97
N TYR A 249 14.96 -5.71 -3.76
CA TYR A 249 13.60 -5.83 -3.25
C TYR A 249 13.37 -7.05 -2.37
N ALA A 250 14.39 -7.87 -2.22
CA ALA A 250 14.30 -9.07 -1.39
C ALA A 250 13.10 -9.95 -1.76
N SER A 251 12.99 -10.23 -3.06
CA SER A 251 11.90 -11.05 -3.59
C SER A 251 12.31 -11.62 -4.94
N ASP A 252 11.73 -12.76 -5.30
CA ASP A 252 12.03 -13.35 -6.60
C ASP A 252 11.24 -12.59 -7.66
N VAL A 253 10.22 -11.86 -7.21
CA VAL A 253 9.37 -11.08 -8.12
C VAL A 253 10.03 -9.75 -8.51
N SER A 254 9.96 -9.42 -9.80
CA SER A 254 10.54 -8.18 -10.30
C SER A 254 9.67 -6.97 -9.96
N ALA A 255 10.31 -5.81 -9.86
CA ALA A 255 9.63 -4.56 -9.52
C ALA A 255 8.34 -4.23 -10.27
N ASP A 256 8.25 -4.59 -11.54
CA ASP A 256 7.06 -4.28 -12.33
C ASP A 256 5.80 -5.02 -11.84
N LYS A 257 6.00 -5.98 -10.94
CA LYS A 257 4.87 -6.72 -10.39
C LYS A 257 4.88 -6.56 -8.88
N LEU A 258 5.55 -5.51 -8.43
CA LEU A 258 5.68 -5.25 -7.01
C LEU A 258 4.96 -4.00 -6.51
N VAL A 259 4.39 -4.12 -5.31
CA VAL A 259 3.73 -3.01 -4.64
C VAL A 259 4.58 -2.83 -3.39
N THR A 260 5.24 -1.68 -3.28
CA THR A 260 6.13 -1.41 -2.16
C THR A 260 5.55 -0.46 -1.14
N TRP A 261 6.24 -0.34 -0.02
CA TRP A 261 5.83 0.55 1.06
C TRP A 261 6.92 0.72 2.11
N VAL A 262 6.80 1.78 2.90
CA VAL A 262 7.74 2.01 3.98
C VAL A 262 7.15 1.24 5.16
N GLU A 263 5.83 1.31 5.28
CA GLU A 263 5.12 0.60 6.33
C GLU A 263 3.73 0.24 5.82
N SER A 264 3.04 -0.64 6.55
CA SER A 264 1.69 -1.05 6.19
C SER A 264 0.79 -0.74 7.37
N HIS A 265 -0.52 -0.71 7.14
CA HIS A 265 -1.45 -0.43 8.22
C HIS A 265 -1.22 -1.48 9.32
N ASP A 266 -0.90 -2.71 8.92
CA ASP A 266 -0.66 -3.78 9.88
C ASP A 266 0.60 -3.56 10.73
N THR A 267 1.71 -3.19 10.10
CA THR A 267 2.93 -2.97 10.87
C THR A 267 2.74 -1.79 11.83
N TYR A 268 1.77 -0.94 11.54
CA TYR A 268 1.53 0.21 12.38
C TYR A 268 0.45 0.00 13.44
N ALA A 269 -0.72 -0.47 13.03
CA ALA A 269 -1.84 -0.65 13.94
C ALA A 269 -1.88 -1.83 14.90
N ASN A 270 -1.21 -2.94 14.57
CA ASN A 270 -1.21 -4.10 15.47
C ASN A 270 -0.53 -3.81 16.80
N ASP A 271 -0.83 -4.64 17.81
CA ASP A 271 -0.26 -4.46 19.12
C ASP A 271 1.26 -4.62 19.16
N ASP A 272 1.83 -5.15 18.09
CA ASP A 272 3.28 -5.31 18.02
C ASP A 272 3.93 -3.95 17.83
N GLU A 273 3.18 -3.01 17.28
CA GLU A 273 3.69 -1.67 17.01
C GLU A 273 5.04 -1.78 16.30
N GLU A 274 5.11 -2.62 15.29
CA GLU A 274 6.35 -2.82 14.55
C GLU A 274 6.94 -1.60 13.83
N SER A 275 6.11 -0.76 13.22
CA SER A 275 6.63 0.41 12.52
C SER A 275 6.16 1.72 13.14
N THR A 276 5.31 1.60 14.16
CA THR A 276 4.75 2.75 14.86
C THR A 276 5.76 3.77 15.38
N TRP A 277 6.99 3.34 15.62
CA TRP A 277 8.03 4.23 16.16
C TRP A 277 8.40 5.40 15.25
N MET A 278 8.45 5.15 13.95
CA MET A 278 8.82 6.19 13.00
C MET A 278 8.16 7.53 13.22
N SER A 279 8.76 8.56 12.63
CA SER A 279 8.25 9.91 12.72
C SER A 279 7.92 10.33 11.29
N ASP A 280 7.40 11.55 11.13
CA ASP A 280 7.07 12.05 9.81
C ASP A 280 8.32 12.22 8.97
N ASP A 281 9.43 12.61 9.58
CA ASP A 281 10.66 12.75 8.82
C ASP A 281 11.15 11.39 8.35
N ASP A 282 10.94 10.36 9.18
CA ASP A 282 11.35 9.03 8.79
C ASP A 282 10.56 8.64 7.54
N ILE A 283 9.26 8.96 7.55
CA ILE A 283 8.38 8.66 6.42
C ILE A 283 8.83 9.39 5.16
N ARG A 284 9.11 10.69 5.27
CA ARG A 284 9.56 11.45 4.10
C ARG A 284 10.77 10.79 3.46
N LEU A 285 11.77 10.48 4.28
CA LEU A 285 12.98 9.84 3.77
C LEU A 285 12.62 8.48 3.18
N GLY A 286 11.83 7.69 3.90
CA GLY A 286 11.44 6.39 3.40
C GLY A 286 10.69 6.48 2.08
N TRP A 287 9.81 7.47 1.97
CA TRP A 287 9.02 7.66 0.77
C TRP A 287 9.92 8.11 -0.38
N ALA A 288 10.85 9.01 -0.09
CA ALA A 288 11.77 9.50 -1.11
C ALA A 288 12.53 8.32 -1.74
N VAL A 289 12.82 7.31 -0.94
CA VAL A 289 13.53 6.15 -1.45
C VAL A 289 12.66 5.24 -2.32
N ILE A 290 11.62 4.65 -1.73
CA ILE A 290 10.78 3.72 -2.50
C ILE A 290 9.99 4.34 -3.65
N ALA A 291 9.58 5.61 -3.50
CA ALA A 291 8.80 6.26 -4.54
C ALA A 291 9.65 6.91 -5.64
N SER A 292 10.96 6.82 -5.52
CA SER A 292 11.85 7.38 -6.54
C SER A 292 12.16 6.26 -7.51
N ARG A 293 11.98 5.04 -7.01
CA ARG A 293 12.24 3.82 -7.76
C ARG A 293 11.35 3.66 -8.97
N SER A 294 11.74 2.75 -9.86
CA SER A 294 10.99 2.49 -11.08
C SER A 294 10.41 1.08 -11.09
N GLY A 295 9.37 0.89 -11.90
CA GLY A 295 8.73 -0.41 -12.02
C GLY A 295 7.77 -0.75 -10.90
N SER A 296 8.19 -0.60 -9.66
CA SER A 296 7.34 -0.91 -8.53
C SER A 296 6.34 0.19 -8.22
N THR A 297 5.26 -0.17 -7.52
CA THR A 297 4.20 0.77 -7.17
C THR A 297 4.18 1.04 -5.66
N PRO A 298 4.53 2.28 -5.26
CA PRO A 298 4.54 2.65 -3.84
C PRO A 298 3.14 2.83 -3.25
N LEU A 299 2.98 2.44 -2.00
CA LEU A 299 1.70 2.54 -1.29
C LEU A 299 1.90 3.37 -0.04
N PHE A 300 1.52 4.65 -0.09
CA PHE A 300 1.67 5.55 1.06
C PHE A 300 0.62 5.29 2.13
N PHE A 301 1.07 5.12 3.37
CA PHE A 301 0.16 4.86 4.48
C PHE A 301 -0.21 6.10 5.26
N SER A 302 -1.48 6.47 5.19
CA SER A 302 -1.99 7.62 5.90
C SER A 302 -2.25 7.25 7.35
N ARG A 303 -1.37 7.71 8.24
CA ARG A 303 -1.50 7.41 9.66
C ARG A 303 -2.61 8.23 10.31
N PRO A 304 -3.13 7.75 11.46
CA PRO A 304 -4.18 8.46 12.19
C PRO A 304 -3.62 9.83 12.52
N ASP A 305 -4.43 10.88 12.47
CA ASP A 305 -3.90 12.21 12.76
C ASP A 305 -3.26 12.24 14.14
N GLY A 306 -2.04 12.75 14.22
CA GLY A 306 -1.37 12.81 15.51
C GLY A 306 -0.59 11.55 15.89
N GLY A 307 -0.92 10.44 15.26
CA GLY A 307 -0.23 9.21 15.57
C GLY A 307 1.22 9.30 15.14
N GLY A 308 2.06 8.44 15.72
CA GLY A 308 3.47 8.45 15.38
C GLY A 308 4.38 8.44 16.58
N ASN A 309 5.65 8.15 16.35
CA ASN A 309 6.65 8.13 17.40
C ASN A 309 6.23 7.16 18.50
N GLY A 310 5.85 5.96 18.09
CA GLY A 310 5.44 4.95 19.06
C GLY A 310 3.96 4.96 19.36
N VAL A 311 3.32 6.11 19.16
CA VAL A 311 1.88 6.23 19.46
C VAL A 311 0.94 5.91 18.29
N ARG A 312 0.27 4.76 18.39
CA ARG A 312 -0.67 4.32 17.37
C ARG A 312 -1.93 5.19 17.31
N PHE A 313 -2.60 5.33 18.45
CA PHE A 313 -3.85 6.09 18.51
C PHE A 313 -3.88 7.20 19.57
N PRO A 314 -3.53 8.42 19.17
CA PRO A 314 -3.52 9.58 20.08
C PRO A 314 -4.89 10.02 20.58
N GLY A 315 -5.95 9.66 19.86
CA GLY A 315 -7.28 10.04 20.26
C GLY A 315 -7.81 11.32 19.61
N LYS A 316 -7.03 11.96 18.74
CA LYS A 316 -7.49 13.19 18.09
C LYS A 316 -8.68 12.93 17.17
N THR A 317 -8.65 11.81 16.45
CA THR A 317 -9.72 11.51 15.52
C THR A 317 -10.15 10.07 15.64
N GLN A 318 -11.16 9.70 14.86
CA GLN A 318 -11.64 8.33 14.87
C GLN A 318 -11.86 7.74 13.50
N ILE A 319 -12.22 6.45 13.49
CA ILE A 319 -12.47 5.74 12.25
C ILE A 319 -13.43 6.57 11.41
N GLY A 320 -13.03 6.85 10.17
CA GLY A 320 -13.86 7.62 9.27
C GLY A 320 -13.21 8.96 8.92
N ASP A 321 -12.61 9.60 9.93
CA ASP A 321 -11.95 10.88 9.72
C ASP A 321 -10.73 10.72 8.85
N ARG A 322 -10.20 11.83 8.37
CA ARG A 322 -9.01 11.84 7.54
C ARG A 322 -7.77 11.61 8.39
N GLY A 323 -6.70 11.13 7.75
CA GLY A 323 -5.45 10.90 8.46
C GLY A 323 -4.68 12.20 8.60
N SER A 324 -3.40 12.11 8.95
CA SER A 324 -2.58 13.31 9.09
C SER A 324 -2.40 13.96 7.72
N ALA A 325 -2.03 15.22 7.71
CA ALA A 325 -1.83 15.95 6.46
C ALA A 325 -0.53 15.53 5.76
N LEU A 326 0.18 14.57 6.33
CA LEU A 326 1.44 14.12 5.75
C LEU A 326 1.28 13.69 4.30
N PHE A 327 0.12 13.15 3.95
CA PHE A 327 -0.14 12.69 2.59
C PHE A 327 -0.01 13.80 1.54
N GLU A 328 -0.17 15.05 1.97
CA GLU A 328 -0.04 16.17 1.04
C GLU A 328 1.13 17.07 1.45
N ASP A 329 2.09 16.50 2.17
CA ASP A 329 3.26 17.23 2.62
C ASP A 329 4.13 17.59 1.42
N GLN A 330 4.64 18.82 1.38
CA GLN A 330 5.46 19.27 0.27
C GLN A 330 6.49 18.25 -0.20
N ALA A 331 7.18 17.65 0.75
CA ALA A 331 8.21 16.65 0.44
C ALA A 331 7.60 15.43 -0.23
N ILE A 332 6.51 14.92 0.35
CA ILE A 332 5.83 13.75 -0.19
C ILE A 332 5.31 13.98 -1.60
N VAL A 333 4.58 15.09 -1.78
CA VAL A 333 4.02 15.46 -3.08
C VAL A 333 5.10 15.60 -4.14
N ALA A 334 6.18 16.29 -3.77
CA ALA A 334 7.28 16.51 -4.69
C ALA A 334 7.76 15.17 -5.23
N VAL A 335 7.80 14.16 -4.37
CA VAL A 335 8.23 12.84 -4.77
C VAL A 335 7.16 12.16 -5.61
N ASN A 336 5.90 12.39 -5.24
CA ASN A 336 4.82 11.80 -6.00
C ASN A 336 4.96 12.32 -7.43
N THR A 337 5.01 13.64 -7.55
CA THR A 337 5.13 14.27 -8.85
C THR A 337 6.36 13.72 -9.59
N PHE A 338 7.48 13.61 -8.90
CA PHE A 338 8.70 13.08 -9.50
C PHE A 338 8.38 11.73 -10.13
N HIS A 339 7.91 10.81 -9.28
CA HIS A 339 7.55 9.46 -9.66
C HIS A 339 6.76 9.42 -10.97
N ASN A 340 5.74 10.27 -11.06
CA ASN A 340 4.90 10.33 -12.25
C ASN A 340 5.60 10.78 -13.53
N VAL A 341 6.30 11.90 -13.46
CA VAL A 341 6.99 12.40 -14.65
C VAL A 341 8.18 11.56 -15.06
N MET A 342 8.68 10.73 -14.15
CA MET A 342 9.84 9.88 -14.44
C MET A 342 9.47 8.49 -14.96
N ALA A 343 8.18 8.19 -15.01
CA ALA A 343 7.74 6.89 -15.49
C ALA A 343 8.41 6.51 -16.81
N GLY A 344 8.91 5.28 -16.89
CA GLY A 344 9.58 4.83 -18.09
C GLY A 344 11.08 4.89 -17.92
N GLN A 345 11.56 6.00 -17.40
CA GLN A 345 12.97 6.23 -17.15
C GLN A 345 13.57 5.17 -16.23
N PRO A 346 14.82 4.75 -16.50
CA PRO A 346 15.44 3.75 -15.64
C PRO A 346 15.97 4.45 -14.38
N GLU A 347 16.55 3.69 -13.46
CA GLU A 347 17.06 4.25 -12.21
C GLU A 347 18.51 3.86 -11.96
N GLU A 348 19.19 4.68 -11.17
CA GLU A 348 20.58 4.43 -10.82
C GLU A 348 20.78 4.87 -9.36
N LEU A 349 20.79 3.89 -8.45
CA LEU A 349 20.95 4.18 -7.03
C LEU A 349 22.41 4.35 -6.65
N SER A 350 22.68 5.11 -5.61
CA SER A 350 24.04 5.34 -5.16
C SER A 350 24.10 6.15 -3.88
N ASN A 351 25.26 6.17 -3.25
CA ASN A 351 25.44 6.94 -2.03
C ASN A 351 26.54 7.98 -2.27
N PRO A 352 26.13 9.23 -2.54
CA PRO A 352 27.08 10.32 -2.80
C PRO A 352 28.16 10.42 -1.71
N ASN A 353 29.41 10.64 -2.15
CA ASN A 353 30.56 10.78 -1.26
C ASN A 353 30.86 9.51 -0.46
N GLY A 354 30.27 8.40 -0.87
CA GLY A 354 30.49 7.16 -0.15
C GLY A 354 29.88 7.22 1.24
N ASN A 355 29.08 8.25 1.50
CA ASN A 355 28.43 8.42 2.79
C ASN A 355 27.12 7.61 2.73
N ASN A 356 27.04 6.52 3.50
CA ASN A 356 25.85 5.69 3.50
C ASN A 356 24.58 6.37 4.02
N GLN A 357 24.72 7.55 4.62
CA GLN A 357 23.55 8.27 5.12
C GLN A 357 22.88 9.15 4.04
N ILE A 358 23.48 9.17 2.85
CA ILE A 358 22.96 9.96 1.74
C ILE A 358 22.53 9.05 0.60
N PHE A 359 21.25 9.11 0.26
CA PHE A 359 20.71 8.29 -0.82
C PHE A 359 20.45 9.13 -2.06
N MET A 360 20.81 8.62 -3.22
CA MET A 360 20.61 9.34 -4.47
C MET A 360 20.10 8.42 -5.57
N ASN A 361 18.96 8.78 -6.16
CA ASN A 361 18.41 7.99 -7.24
C ASN A 361 18.42 8.87 -8.48
N GLN A 362 18.88 8.30 -9.60
CA GLN A 362 18.95 9.05 -10.83
C GLN A 362 18.11 8.35 -11.90
N ARG A 363 17.01 8.99 -12.26
CA ARG A 363 16.11 8.42 -13.26
C ARG A 363 16.51 8.92 -14.65
N GLY A 364 17.14 8.04 -15.43
CA GLY A 364 17.59 8.43 -16.75
C GLY A 364 18.44 9.67 -16.61
N SER A 365 18.17 10.67 -17.43
CA SER A 365 18.90 11.93 -17.35
C SER A 365 17.87 13.05 -17.21
N LYS A 366 16.72 12.69 -16.65
CA LYS A 366 15.61 13.61 -16.45
C LYS A 366 15.40 14.03 -15.00
N GLY A 367 15.77 13.18 -14.05
CA GLY A 367 15.57 13.55 -12.67
C GLY A 367 16.50 12.96 -11.64
N VAL A 368 16.53 13.59 -10.47
CA VAL A 368 17.36 13.16 -9.35
C VAL A 368 16.68 13.41 -8.01
N VAL A 369 16.68 12.37 -7.18
CA VAL A 369 16.10 12.45 -5.84
C VAL A 369 17.20 12.19 -4.82
N LEU A 370 17.23 13.02 -3.77
CA LEU A 370 18.24 12.89 -2.73
C LEU A 370 17.59 12.74 -1.36
N ALA A 371 18.16 11.87 -0.53
CA ALA A 371 17.67 11.64 0.82
C ALA A 371 18.84 11.62 1.79
N ASN A 372 18.76 12.45 2.83
CA ASN A 372 19.82 12.52 3.81
C ASN A 372 19.29 12.12 5.18
N ALA A 373 19.52 10.86 5.56
CA ALA A 373 19.06 10.35 6.86
C ALA A 373 19.89 10.91 8.02
N GLY A 374 21.07 11.42 7.71
CA GLY A 374 21.96 11.98 8.72
C GLY A 374 21.39 13.20 9.42
N SER A 375 21.93 13.49 10.61
CA SER A 375 21.44 14.63 11.38
C SER A 375 22.31 15.85 11.20
N SER A 376 23.25 15.77 10.27
CA SER A 376 24.14 16.91 9.99
C SER A 376 24.05 17.25 8.50
N SER A 377 24.11 18.54 8.21
CA SER A 377 24.07 19.02 6.83
C SER A 377 25.21 18.40 6.04
N VAL A 378 24.99 18.17 4.75
CA VAL A 378 26.03 17.55 3.92
C VAL A 378 26.20 18.27 2.58
N SER A 379 27.46 18.40 2.14
CA SER A 379 27.75 19.04 0.88
C SER A 379 27.97 17.98 -0.18
N ILE A 380 26.93 17.75 -0.95
CA ILE A 380 26.98 16.76 -2.01
C ILE A 380 27.85 17.26 -3.16
N ASN A 381 28.43 16.30 -3.88
CA ASN A 381 29.29 16.57 -5.03
C ASN A 381 29.37 15.21 -5.71
N ALA A 382 28.63 15.03 -6.81
CA ALA A 382 28.63 13.75 -7.49
C ALA A 382 28.26 13.78 -8.97
N SER A 383 28.49 12.65 -9.62
CA SER A 383 28.20 12.49 -11.03
C SER A 383 26.70 12.48 -11.31
N THR A 384 26.31 13.14 -12.39
CA THR A 384 24.90 13.21 -12.78
C THR A 384 24.76 13.39 -14.29
N LYS A 385 23.61 12.97 -14.82
CA LYS A 385 23.36 13.10 -16.26
C LYS A 385 22.36 14.22 -16.50
N LEU A 386 22.22 15.11 -15.51
CA LEU A 386 21.30 16.24 -15.64
C LEU A 386 21.98 17.35 -16.40
N PRO A 387 21.26 17.99 -17.34
CA PRO A 387 21.86 19.09 -18.10
C PRO A 387 22.34 20.18 -17.13
N ASP A 388 23.33 20.97 -17.55
CA ASP A 388 23.85 22.02 -16.69
C ASP A 388 22.76 23.06 -16.37
N GLY A 389 22.83 23.64 -15.18
CA GLY A 389 21.83 24.63 -14.79
C GLY A 389 21.70 24.79 -13.29
N SER A 390 20.68 25.53 -12.86
CA SER A 390 20.44 25.78 -11.46
C SER A 390 19.08 25.23 -11.01
N TYR A 391 19.10 24.05 -10.38
CA TYR A 391 17.87 23.40 -9.91
C TYR A 391 17.46 23.70 -8.48
N ASP A 392 16.20 24.09 -8.29
CA ASP A 392 15.69 24.39 -6.95
C ASP A 392 14.99 23.16 -6.39
N ASN A 393 15.27 22.82 -5.14
CA ASN A 393 14.67 21.66 -4.52
C ASN A 393 13.16 21.81 -4.41
N LYS A 394 12.44 20.96 -5.13
CA LYS A 394 10.98 20.99 -5.12
C LYS A 394 10.38 20.41 -3.84
N ALA A 395 11.21 19.72 -3.06
CA ALA A 395 10.75 19.12 -1.81
C ALA A 395 10.86 20.08 -0.64
N GLY A 396 11.61 21.17 -0.85
CA GLY A 396 11.78 22.15 0.20
C GLY A 396 12.73 23.25 -0.20
N THR A 397 13.23 23.98 0.79
CA THR A 397 14.15 25.09 0.55
C THR A 397 15.49 24.62 0.02
N GLY A 398 16.24 25.55 -0.54
CA GLY A 398 17.55 25.21 -1.06
C GLY A 398 17.59 25.08 -2.56
N SER A 399 18.80 25.03 -3.09
CA SER A 399 19.01 24.90 -4.53
C SER A 399 20.27 24.07 -4.80
N PHE A 400 20.39 23.56 -6.02
CA PHE A 400 21.54 22.75 -6.38
C PHE A 400 22.08 23.19 -7.74
N GLN A 401 23.34 22.85 -8.03
CA GLN A 401 23.98 23.23 -9.29
C GLN A 401 24.56 22.03 -10.00
N VAL A 402 24.71 22.16 -11.32
CA VAL A 402 25.30 21.12 -12.15
C VAL A 402 26.28 21.81 -13.10
N ARG A 403 27.57 21.59 -12.85
CA ARG A 403 28.63 22.20 -13.65
C ARG A 403 29.52 21.12 -14.26
N ASP A 404 29.44 20.96 -15.57
CA ASP A 404 30.26 19.97 -16.26
C ASP A 404 30.01 18.56 -15.71
N GLY A 405 28.74 18.16 -15.69
CA GLY A 405 28.38 16.83 -15.22
C GLY A 405 28.50 16.53 -13.74
N LYS A 406 28.65 17.55 -12.91
CA LYS A 406 28.77 17.35 -11.47
C LYS A 406 27.70 18.08 -10.68
N LEU A 407 26.93 17.30 -9.91
CA LEU A 407 25.87 17.86 -9.08
C LEU A 407 26.47 18.29 -7.75
N THR A 408 26.26 19.55 -7.40
CA THR A 408 26.79 20.10 -6.15
C THR A 408 25.76 21.01 -5.48
N GLY A 409 25.87 21.14 -4.17
CA GLY A 409 24.94 21.96 -3.42
C GLY A 409 24.82 21.36 -2.03
N THR A 410 23.90 21.88 -1.23
CA THR A 410 23.76 21.34 0.11
C THR A 410 22.42 20.68 0.39
N ILE A 411 22.49 19.49 0.98
CA ILE A 411 21.30 18.72 1.36
C ILE A 411 21.25 18.76 2.89
N ASN A 412 20.32 19.53 3.43
CA ASN A 412 20.20 19.64 4.89
C ASN A 412 19.95 18.32 5.59
N ALA A 413 20.16 18.33 6.91
CA ALA A 413 19.96 17.14 7.72
C ALA A 413 18.51 16.68 7.68
N ARG A 414 18.32 15.36 7.67
CA ARG A 414 16.98 14.78 7.68
C ARG A 414 16.09 15.46 6.64
N SER A 415 16.61 15.61 5.42
CA SER A 415 15.86 16.27 4.36
C SER A 415 15.83 15.48 3.07
N VAL A 416 14.88 15.84 2.22
CA VAL A 416 14.71 15.20 0.92
C VAL A 416 14.85 16.29 -0.14
N ALA A 417 15.31 15.90 -1.33
CA ALA A 417 15.45 16.84 -2.42
C ALA A 417 15.04 16.22 -3.74
N VAL A 418 14.27 16.96 -4.52
CA VAL A 418 13.81 16.50 -5.83
C VAL A 418 14.26 17.50 -6.89
N LEU A 419 15.07 17.04 -7.83
CA LEU A 419 15.56 17.91 -8.89
C LEU A 419 15.27 17.41 -10.30
N TYR A 420 14.88 18.34 -11.16
CA TYR A 420 14.60 18.08 -12.57
C TYR A 420 14.10 19.34 -13.27
N PRO A 421 14.36 19.47 -14.59
CA PRO A 421 13.99 20.59 -15.46
C PRO A 421 12.47 20.82 -15.58
N ASP A 422 12.07 22.09 -15.51
CA ASP A 422 10.65 22.44 -15.61
C ASP A 422 10.11 22.21 -17.02
#